data_9BJN
# 
_entry.id   9BJN 
# 
_audit_conform.dict_name       mmcif_pdbx.dic 
_audit_conform.dict_version    5.403 
_audit_conform.dict_location   http://mmcif.pdb.org/dictionaries/ascii/mmcif_pdbx.dic 
# 
loop_
_database_2.database_id 
_database_2.database_code 
_database_2.pdbx_database_accession 
_database_2.pdbx_DOI 
PDB   9BJN         pdb_00009bjn 10.2210/pdb9bjn/pdb 
WWPDB D_1000283473 ?            ?                   
EMDB  EMD-44636    ?            ?                   
# 
loop_
_pdbx_audit_revision_history.ordinal 
_pdbx_audit_revision_history.data_content_type 
_pdbx_audit_revision_history.major_revision 
_pdbx_audit_revision_history.minor_revision 
_pdbx_audit_revision_history.revision_date 
_pdbx_audit_revision_history.part_number 
1  'Structure model' 1 0 2024-09-18 ? 
2  'EM metadata'     1 0 2024-09-18 ? 
3  'Half map'        1 0 2024-09-18 1 
4  'Half map'        1 0 2024-09-18 2 
5  Image             1 0 2024-09-18 ? 
6  'Primary map'     1 0 2024-09-18 ? 
7  'Structure model' 1 1 2024-10-02 ? 
8  'Half map'        1 0 2024-09-18 1 
9  'Half map'        1 0 2024-09-18 2 
10 Image             1 0 2024-09-18 ? 
11 'Primary map'     1 0 2024-09-18 ? 
12 'Structure model' 1 2 2025-05-21 ? 
13 'EM metadata'     1 1 2025-05-21 ? 
# 
loop_
_pdbx_audit_revision_details.ordinal 
_pdbx_audit_revision_details.revision_ordinal 
_pdbx_audit_revision_details.data_content_type 
_pdbx_audit_revision_details.provider 
_pdbx_audit_revision_details.type 
_pdbx_audit_revision_details.description 
_pdbx_audit_revision_details.details 
1  1  'Structure model' repository 'Initial release' ? ? 
2  2  'EM metadata'     repository 'Initial release' ? ? 
3  3  'Half map'        repository 'Initial release' ? ? 
4  4  'Half map'        repository 'Initial release' ? ? 
5  5  Image             repository 'Initial release' ? ? 
6  6  'Primary map'     repository 'Initial release' ? ? 
7  8  'Half map'        repository 'Initial release' ? ? 
8  9  'Half map'        repository 'Initial release' ? ? 
9  10 Image             repository 'Initial release' ? ? 
10 11 'Primary map'     repository 'Initial release' ? ? 
# 
loop_
_pdbx_audit_revision_group.ordinal 
_pdbx_audit_revision_group.revision_ordinal 
_pdbx_audit_revision_group.data_content_type 
_pdbx_audit_revision_group.group 
1 7  'Structure model' 'Data collection'      
2 7  'Structure model' 'Database references'  
3 7  'Structure model' 'Derived calculations' 
4 12 'Structure model' 'Data collection'      
5 12 'Structure model' 'Structure summary'    
6 13 'EM metadata'     'Data processing'      
7 13 'EM metadata'     'Experimental summary' 
# 
loop_
_pdbx_audit_revision_category.ordinal 
_pdbx_audit_revision_category.revision_ordinal 
_pdbx_audit_revision_category.data_content_type 
_pdbx_audit_revision_category.category 
1 7  'Structure model' citation                  
2 7  'Structure model' em_admin                  
3 7  'Structure model' struct_conn               
4 12 'Structure model' em_admin                  
5 12 'Structure model' em_software               
6 12 'Structure model' pdbx_entry_details        
7 12 'Structure model' pdbx_modification_feature 
8 13 'EM metadata'     em_admin                  
9 13 'EM metadata'     em_software               
# 
loop_
_pdbx_audit_revision_item.ordinal 
_pdbx_audit_revision_item.revision_ordinal 
_pdbx_audit_revision_item.data_content_type 
_pdbx_audit_revision_item.item 
1  7  'Structure model' '_citation.journal_volume'                     
2  7  'Structure model' '_citation.page_first'                         
3  7  'Structure model' '_citation.page_last'                          
4  7  'Structure model' '_em_admin.last_update'                        
5  7  'Structure model' '_struct_conn.pdbx_leaving_atom_flag'          
6  12 'Structure model' '_em_admin.last_update'                        
7  12 'Structure model' '_em_software.name'                            
8  12 'Structure model' '_pdbx_entry_details.has_protein_modification' 
9  13 'EM metadata'     '_em_admin.last_update'                        
10 13 'EM metadata'     '_em_software.name'                            
# 
_pdbx_database_status.status_code                     REL 
_pdbx_database_status.status_code_sf                  ? 
_pdbx_database_status.status_code_mr                  ? 
_pdbx_database_status.entry_id                        9BJN 
_pdbx_database_status.recvd_initial_deposition_date   2024-04-25 
_pdbx_database_status.SG_entry                        N 
_pdbx_database_status.deposit_site                    RCSB 
_pdbx_database_status.process_site                    RCSB 
_pdbx_database_status.status_code_cs                  ? 
_pdbx_database_status.status_code_nmr_data            ? 
_pdbx_database_status.methods_development_category    ? 
_pdbx_database_status.pdb_format_compatible           N 
# 
_pdbx_database_related.db_name        EMDB 
_pdbx_database_related.details        'Cryo-EM of Azo-ffspy fiber' 
_pdbx_database_related.db_id          EMD-44636 
_pdbx_database_related.content_type   'associated EM volume' 
# 
_pdbx_contact_author.id                 2 
_pdbx_contact_author.email              fw2@uab.edu 
_pdbx_contact_author.name_first         Fengbin 
_pdbx_contact_author.name_last          Wang 
_pdbx_contact_author.name_mi            ? 
_pdbx_contact_author.role               'principal investigator/group leader' 
_pdbx_contact_author.identifier_ORCID   0000-0003-1008-663X 
# 
loop_
_audit_author.name 
_audit_author.pdbx_ordinal 
_audit_author.identifier_ORCID 
'Zia, A.'  1 ? 
'Guo, J.'  2 ? 
'Xu, B.'   3 ? 
'Wang, F.' 4 ? 
# 
_citation.abstract                  ? 
_citation.abstract_id_CAS           ? 
_citation.book_id_ISBN              ? 
_citation.book_publisher            ? 
_citation.book_publisher_city       ? 
_citation.book_title                ? 
_citation.coordinate_linkage        ? 
_citation.country                   US 
_citation.database_id_Medline       ? 
_citation.details                   ? 
_citation.id                        primary 
_citation.journal_abbrev            J.Am.Chem.Soc. 
_citation.journal_id_ASTM           JACSAT 
_citation.journal_id_CSD            ? 
_citation.journal_id_ISSN           1520-5126 
_citation.journal_full              ? 
_citation.journal_issue             ? 
_citation.journal_volume            146 
_citation.language                  ? 
_citation.page_first                26102 
_citation.page_last                 26112 
_citation.title                     'Cell-Free Nonequilibrium Assembly for Hierarchical Protein/Peptide Nanopillars.' 
_citation.year                      2024 
_citation.database_id_CSD           ? 
_citation.pdbx_database_id_DOI      10.1021/jacs.4c06775 
_citation.pdbx_database_id_PubMed   39255453 
_citation.pdbx_database_id_patent   ? 
_citation.unpublished_flag          ? 
# 
loop_
_citation_author.citation_id 
_citation_author.name 
_citation_author.ordinal 
_citation_author.identifier_ORCID 
primary 'Guo, J.'        1  0000-0002-0254-0401 
primary 'Zia, A.'        2  ?                   
primary 'Qiu, Q.'        3  ?                   
primary 'Norton, M.'     4  ?                   
primary 'Qiu, K.'        5  ?                   
primary 'Usuba, J.'      6  ?                   
primary 'Liu, Z.'        7  ?                   
primary 'Yi, M.'         8  0000-0002-1912-1043 
primary 'Rich-New, S.T.' 9  ?                   
primary 'Hagan, M.'      10 0000-0002-9211-2434 
primary 'Fraden, S.'     11 ?                   
primary 'Han, G.D.'      12 ?                   
primary 'Diao, J.'       13 0000-0003-4288-3203 
primary 'Wang, F.'       14 0000-0003-1008-663X 
primary 'Xu, B.'         15 0000-0002-4639-387X 
# 
_entity.id                         1 
_entity.type                       polymer 
_entity.src_method                 syn 
_entity.pdbx_description           'D-peptide ffspy' 
_entity.formula_weight             850.809 
_entity.pdbx_number_of_molecules   1 
_entity.pdbx_ec                    ? 
_entity.pdbx_mutation              ? 
_entity.pdbx_fragment              ? 
_entity.details                    ? 
# 
_entity_poly.entity_id                      1 
_entity_poly.type                           'polypeptide(D)' 
_entity_poly.nstd_linkage                   no 
_entity_poly.nstd_monomer                   yes 
_entity_poly.pdbx_seq_one_letter_code       '(A1APX)(DPN)(DPN)(DSN)(A1AP1)' 
_entity_poly.pdbx_seq_one_letter_code_can   XFFSW 
_entity_poly.pdbx_strand_id                 A 
_entity_poly.pdbx_target_identifier         ? 
# 
loop_
_entity_poly_seq.entity_id 
_entity_poly_seq.num 
_entity_poly_seq.mon_id 
_entity_poly_seq.hetero 
1 1 A1APX n 
1 2 DPN   n 
1 3 DPN   n 
1 4 DSN   n 
1 5 A1AP1 n 
# 
_pdbx_entity_src_syn.entity_id              1 
_pdbx_entity_src_syn.pdbx_src_id            1 
_pdbx_entity_src_syn.pdbx_alt_source_flag   sample 
_pdbx_entity_src_syn.pdbx_beg_seq_num       1 
_pdbx_entity_src_syn.pdbx_end_seq_num       5 
_pdbx_entity_src_syn.organism_scientific    'synthetic construct' 
_pdbx_entity_src_syn.organism_common_name   ? 
_pdbx_entity_src_syn.ncbi_taxonomy_id       32630 
_pdbx_entity_src_syn.details                ? 
# 
loop_
_chem_comp.id 
_chem_comp.type 
_chem_comp.mon_nstd_flag 
_chem_comp.name 
_chem_comp.pdbx_synonyms 
_chem_comp.formula 
_chem_comp.formula_weight 
A1AP1 'D-peptide linking' . O-phosphono-D-tyrosine               ? 'C9 H12 N O6 P' 261.168 
A1APX non-polymer         . '4-[(E)-phenyldiazenyl]benzoic acid' ? 'C13 H10 N2 O2' 226.231 
DPN   'D-peptide linking' . D-PHENYLALANINE                      ? 'C9 H11 N O2'   165.189 
DSN   'D-peptide linking' . D-SERINE                             ? 'C3 H7 N O3'    105.093 
# 
loop_
_pdbx_poly_seq_scheme.asym_id 
_pdbx_poly_seq_scheme.entity_id 
_pdbx_poly_seq_scheme.seq_id 
_pdbx_poly_seq_scheme.mon_id 
_pdbx_poly_seq_scheme.ndb_seq_num 
_pdbx_poly_seq_scheme.pdb_seq_num 
_pdbx_poly_seq_scheme.auth_seq_num 
_pdbx_poly_seq_scheme.pdb_mon_id 
_pdbx_poly_seq_scheme.auth_mon_id 
_pdbx_poly_seq_scheme.pdb_strand_id 
_pdbx_poly_seq_scheme.pdb_ins_code 
_pdbx_poly_seq_scheme.hetero 
A 1 1 A1APX 1 1 1 A1APX AZO A . n 
A 1 2 DPN   2 2 2 DPN   DPN A . n 
A 1 3 DPN   3 3 3 DPN   DPN A . n 
A 1 4 DSN   4 4 4 DSN   DSN A . n 
A 1 5 A1AP1 5 5 5 A1AP1 DP5 A . n 
# 
loop_
_pdbx_entity_instance_feature.ordinal 
_pdbx_entity_instance_feature.comp_id 
_pdbx_entity_instance_feature.asym_id 
_pdbx_entity_instance_feature.seq_num 
_pdbx_entity_instance_feature.auth_comp_id 
_pdbx_entity_instance_feature.auth_asym_id 
_pdbx_entity_instance_feature.auth_seq_num 
_pdbx_entity_instance_feature.feature_type 
_pdbx_entity_instance_feature.details 
1 A1APX ? ? A1APX ? ? 'SUBJECT OF INVESTIGATION' ? 
2 A1AP1 ? ? A1AP1 ? ? 'SUBJECT OF INVESTIGATION' ? 
# 
_exptl.absorpt_coefficient_mu     ? 
_exptl.absorpt_correction_T_max   ? 
_exptl.absorpt_correction_T_min   ? 
_exptl.absorpt_correction_type    ? 
_exptl.absorpt_process_details    ? 
_exptl.entry_id                   9BJN 
_exptl.crystals_number            ? 
_exptl.details                    ? 
_exptl.method                     'ELECTRON MICROSCOPY' 
_exptl.method_details             ? 
# 
_refine.aniso_B[1][1]                            ? 
_refine.aniso_B[1][2]                            ? 
_refine.aniso_B[1][3]                            ? 
_refine.aniso_B[2][2]                            ? 
_refine.aniso_B[2][3]                            ? 
_refine.aniso_B[3][3]                            ? 
_refine.B_iso_max                                ? 
_refine.B_iso_mean                               ? 
_refine.B_iso_min                                ? 
_refine.correlation_coeff_Fo_to_Fc               ? 
_refine.correlation_coeff_Fo_to_Fc_free          ? 
_refine.details                                  ? 
_refine.diff_density_max                         ? 
_refine.diff_density_max_esd                     ? 
_refine.diff_density_min                         ? 
_refine.diff_density_min_esd                     ? 
_refine.diff_density_rms                         ? 
_refine.diff_density_rms_esd                     ? 
_refine.entry_id                                 9BJN 
_refine.pdbx_refine_id                           'ELECTRON MICROSCOPY' 
_refine.ls_abs_structure_details                 ? 
_refine.ls_abs_structure_Flack                   ? 
_refine.ls_abs_structure_Flack_esd               ? 
_refine.ls_abs_structure_Rogers                  ? 
_refine.ls_abs_structure_Rogers_esd              ? 
_refine.ls_d_res_high                            . 
_refine.ls_d_res_low                             ? 
_refine.ls_extinction_coef                       ? 
_refine.ls_extinction_coef_esd                   ? 
_refine.ls_extinction_expression                 ? 
_refine.ls_extinction_method                     ? 
_refine.ls_goodness_of_fit_all                   ? 
_refine.ls_goodness_of_fit_all_esd               ? 
_refine.ls_goodness_of_fit_obs                   ? 
_refine.ls_goodness_of_fit_obs_esd               ? 
_refine.ls_hydrogen_treatment                    ? 
_refine.ls_matrix_type                           ? 
_refine.ls_number_constraints                    ? 
_refine.ls_number_parameters                     ? 
_refine.ls_number_reflns_all                     ? 
_refine.ls_number_reflns_obs                     ? 
_refine.ls_number_reflns_R_free                  ? 
_refine.ls_number_reflns_R_work                  ? 
_refine.ls_number_restraints                     ? 
_refine.ls_percent_reflns_obs                    ? 
_refine.ls_percent_reflns_R_free                 ? 
_refine.ls_R_factor_all                          ? 
_refine.ls_R_factor_obs                          ? 
_refine.ls_R_factor_R_free                       ? 
_refine.ls_R_factor_R_free_error                 ? 
_refine.ls_R_factor_R_free_error_details         ? 
_refine.ls_R_factor_R_work                       ? 
_refine.ls_R_Fsqd_factor_obs                     ? 
_refine.ls_R_I_factor_obs                        ? 
_refine.ls_redundancy_reflns_all                 ? 
_refine.ls_redundancy_reflns_obs                 ? 
_refine.ls_restrained_S_all                      ? 
_refine.ls_restrained_S_obs                      ? 
_refine.ls_shift_over_esd_max                    ? 
_refine.ls_shift_over_esd_mean                   ? 
_refine.ls_structure_factor_coef                 ? 
_refine.ls_weighting_details                     ? 
_refine.ls_weighting_scheme                      ? 
_refine.ls_wR_factor_all                         ? 
_refine.ls_wR_factor_obs                         ? 
_refine.ls_wR_factor_R_free                      ? 
_refine.ls_wR_factor_R_work                      ? 
_refine.occupancy_max                            ? 
_refine.occupancy_min                            ? 
_refine.solvent_model_details                    ? 
_refine.solvent_model_param_bsol                 ? 
_refine.solvent_model_param_ksol                 ? 
_refine.pdbx_R_complete                          ? 
_refine.ls_R_factor_gt                           ? 
_refine.ls_goodness_of_fit_gt                    ? 
_refine.ls_goodness_of_fit_ref                   ? 
_refine.ls_shift_over_su_max                     ? 
_refine.ls_shift_over_su_max_lt                  ? 
_refine.ls_shift_over_su_mean                    ? 
_refine.ls_shift_over_su_mean_lt                 ? 
_refine.pdbx_ls_sigma_I                          ? 
_refine.pdbx_ls_sigma_F                          ? 
_refine.pdbx_ls_sigma_Fsqd                       ? 
_refine.pdbx_data_cutoff_high_absF               ? 
_refine.pdbx_data_cutoff_high_rms_absF           ? 
_refine.pdbx_data_cutoff_low_absF                ? 
_refine.pdbx_isotropic_thermal_model             ? 
_refine.pdbx_ls_cross_valid_method               ? 
_refine.pdbx_method_to_determine_struct          ? 
_refine.pdbx_starting_model                      ? 
_refine.pdbx_stereochemistry_target_values       ? 
_refine.pdbx_R_Free_selection_details            ? 
_refine.pdbx_stereochem_target_val_spec_case     ? 
_refine.pdbx_overall_ESU_R                       ? 
_refine.pdbx_overall_ESU_R_Free                  ? 
_refine.pdbx_solvent_vdw_probe_radii             ? 
_refine.pdbx_solvent_ion_probe_radii             ? 
_refine.pdbx_solvent_shrinkage_radii             ? 
_refine.pdbx_real_space_R                        ? 
_refine.pdbx_density_correlation                 ? 
_refine.pdbx_pd_number_of_powder_patterns        ? 
_refine.pdbx_pd_number_of_points                 ? 
_refine.pdbx_pd_meas_number_of_points            ? 
_refine.pdbx_pd_proc_ls_prof_R_factor            ? 
_refine.pdbx_pd_proc_ls_prof_wR_factor           ? 
_refine.pdbx_pd_Marquardt_correlation_coeff      ? 
_refine.pdbx_pd_Fsqrd_R_factor                   ? 
_refine.pdbx_pd_ls_matrix_band_width             ? 
_refine.pdbx_overall_phase_error                 ? 
_refine.pdbx_overall_SU_R_free_Cruickshank_DPI   ? 
_refine.pdbx_overall_SU_R_free_Blow_DPI          ? 
_refine.pdbx_overall_SU_R_Blow_DPI               ? 
_refine.pdbx_TLS_residual_ADP_flag               ? 
_refine.pdbx_diffrn_id                           ? 
_refine.overall_SU_B                             ? 
_refine.overall_SU_ML                            ? 
_refine.overall_SU_R_Cruickshank_DPI             ? 
_refine.overall_SU_R_free                        ? 
_refine.overall_FOM_free_R_set                   ? 
_refine.overall_FOM_work_R_set                   ? 
_refine.pdbx_average_fsc_overall                 ? 
_refine.pdbx_average_fsc_work                    ? 
_refine.pdbx_average_fsc_free                    ? 
# 
loop_
_refine_ls_restr.pdbx_refine_id 
_refine_ls_restr.criterion 
_refine_ls_restr.dev_ideal 
_refine_ls_restr.dev_ideal_target 
_refine_ls_restr.number 
_refine_ls_restr.rejects 
_refine_ls_restr.type 
_refine_ls_restr.weight 
_refine_ls_restr.pdbx_restraint_function 
'ELECTRON MICROSCOPY' ? 0.009  ? 5040 ? f_bond_d           ? ? 
'ELECTRON MICROSCOPY' ? 2.634  ? 6640 ? f_angle_d          ? ? 
'ELECTRON MICROSCOPY' ? 18.983 ? 1040 ? f_dihedral_angle_d ? ? 
'ELECTRON MICROSCOPY' ? 0.041  ? 320  ? f_chiral_restr     ? ? 
'ELECTRON MICROSCOPY' ? 0.011  ? 640  ? f_plane_restr      ? ? 
# 
_struct.entry_id                     9BJN 
_struct.title                        'Cryo-EM of Azo-ffspy fiber' 
_struct.pdbx_model_details           ? 
_struct.pdbx_formula_weight          ? 
_struct.pdbx_formula_weight_method   ? 
_struct.pdbx_model_type_details      ? 
_struct.pdbx_CASP_flag               N 
# 
_struct_keywords.entry_id        9BJN 
_struct_keywords.text            'D-peptide, peptide-fiber, helical, PROTEIN FIBRIL' 
_struct_keywords.pdbx_keywords   'PROTEIN FIBRIL' 
# 
_struct_asym.id                            A 
_struct_asym.pdbx_blank_PDB_chainid_flag   N 
_struct_asym.pdbx_modified                 N 
_struct_asym.entity_id                     1 
_struct_asym.details                       ? 
# 
_struct_ref.id                         1 
_struct_ref.db_name                    PDB 
_struct_ref.db_code                    9BJN 
_struct_ref.pdbx_db_accession          9BJN 
_struct_ref.pdbx_db_isoform            ? 
_struct_ref.entity_id                  1 
_struct_ref.pdbx_seq_one_letter_code   ? 
_struct_ref.pdbx_align_begin           1 
# 
_struct_ref_seq.align_id                      1 
_struct_ref_seq.ref_id                        1 
_struct_ref_seq.pdbx_PDB_id_code              9BJN 
_struct_ref_seq.pdbx_strand_id                A 
_struct_ref_seq.seq_align_beg                 1 
_struct_ref_seq.pdbx_seq_align_beg_ins_code   ? 
_struct_ref_seq.seq_align_end                 5 
_struct_ref_seq.pdbx_seq_align_end_ins_code   ? 
_struct_ref_seq.pdbx_db_accession             9BJN 
_struct_ref_seq.db_align_beg                  1 
_struct_ref_seq.pdbx_db_align_beg_ins_code    ? 
_struct_ref_seq.db_align_end                  5 
_struct_ref_seq.pdbx_db_align_end_ins_code    ? 
_struct_ref_seq.pdbx_auth_seq_align_beg       1 
_struct_ref_seq.pdbx_auth_seq_align_end       5 
# 
loop_
_pdbx_struct_assembly.id 
_pdbx_struct_assembly.details 
_pdbx_struct_assembly.method_details 
_pdbx_struct_assembly.oligomeric_details 
_pdbx_struct_assembly.oligomeric_count 
1 'representative helical assembly' ? 24-meric  24 
2 'helical asymmetric unit'         ? monomeric 1  
# 
loop_
_pdbx_struct_assembly_gen.assembly_id 
_pdbx_struct_assembly_gen.oper_expression 
_pdbx_struct_assembly_gen.asym_id_list 
1 '(1-24)' A 
2 13       A 
# 
_pdbx_struct_assembly_auth_evidence.id                     1 
_pdbx_struct_assembly_auth_evidence.assembly_id            1 
_pdbx_struct_assembly_auth_evidence.experimental_support   'electron microscopy' 
_pdbx_struct_assembly_auth_evidence.details                'not applicable' 
# 
loop_
_pdbx_struct_oper_list.id 
_pdbx_struct_oper_list.type 
_pdbx_struct_oper_list.name 
_pdbx_struct_oper_list.symmetry_operation 
_pdbx_struct_oper_list.matrix[1][1] 
_pdbx_struct_oper_list.matrix[1][2] 
_pdbx_struct_oper_list.matrix[1][3] 
_pdbx_struct_oper_list.vector[1] 
_pdbx_struct_oper_list.matrix[2][1] 
_pdbx_struct_oper_list.matrix[2][2] 
_pdbx_struct_oper_list.matrix[2][3] 
_pdbx_struct_oper_list.vector[2] 
_pdbx_struct_oper_list.matrix[3][1] 
_pdbx_struct_oper_list.matrix[3][2] 
_pdbx_struct_oper_list.matrix[3][3] 
_pdbx_struct_oper_list.vector[3] 
1  'helical symmetry operation' ?     ?     0.19435182  0.92647751  0.32228520  -17.39116 -0.76087800 0.34974498  -0.54657469 14.84475 -0.61910661 -0.13899152 0.77290920 12.24052 
2  'helical symmetry operation' ?     ?     -0.10914933 -0.72968595 -0.67501540 20.29099  0.95766956  0.10478303  -0.26812366 11.14813 0.26637640  -0.67570682 0.68736030 19.28032 
3  'helical symmetry operation' ?     ?     -0.53889978 0.83697013  0.09523019  -11.34641 -0.52065210 -0.24207729 -0.81873109 27.03127 -0.66220026 -0.49079548 0.56622507 19.13973 
4  'helical symmetry operation' ?     ?     0.62410227  -0.64017857 -0.44796040 14.72592  0.71744366  0.69660530  0.00403275  0.06950  0.30947005  -0.32390287 0.89404443 10.39531 
5  'helical symmetry operation' ?     ?     -0.90941214 0.28674196  -0.30124517 2.83026   0.10573421  -0.54112535 -0.83426835 30.80845 -0.40223113 -0.79054566 0.46178749 23.31155 
6  'helical symmetry operation' ?     ?     0.99461463  -0.08995040 -0.05148503 1.02892   0.09105735  0.99565336  0.01957000  -2.59977 0.04950093  -0.02415268 0.99848201 4.23767  
7  'helical symmetry operation' ?     ?     -0.68606154 -0.38097537 -0.61982041 16.44509  0.72754224  -0.36085454 -0.58349491 24.16566 -0.00136782 -0.85125894 0.52474408 21.53427 
8  'helical symmetry operation' ?     ?     0.77126403  0.57776693  0.26709020  -12.10623 -0.53075068 0.81538255  -0.23120344 5.15092  -0.35136239 0.03656060  0.93552541 4.02915  
9  'helical symmetry operation' ?     ?     -0.00817248 -0.74966297 -0.66176967 21.15481  0.95689098  0.18628350  -0.22284183 11.59218 0.29033312  -0.63506241 0.71582298 14.29715 
10 'helical symmetry operation' ?     ?     0.09337497  0.94645453  0.30903947  -16.33628 -0.76009942 0.26824451  -0.59185651 18.83230 -0.64306333 -0.17963594 0.74444651 9.28045  
11 'helical symmetry operation' ?     ?     0.70138829  -0.58933340 -0.40092484 14.17110  0.65071249  0.75898442  0.02271564  1.27691  0.29090864  -0.27681924 0.91582930 5.49534  
12 'helical symmetry operation' ?     ?     -0.61618579 0.78612496  0.04819463  -8.87290  -0.45392093 -0.30445640 -0.83741398 30.25548 -0.64363885 -0.53787911 0.54444020 16.09645 
13 'identity operation'         1_555 x,y,z 1.00000000  -0.00000000 0.00000000  0.00000   0.00000000  1.00000000  0.00000000  0.00000  0.00000000  0.00000000  1.00000000 0.00000  
14 'helical symmetry operation' ?     ?     -0.91479751 0.19679156  -0.35273021 5.77788   0.19679156  -0.54547199 -0.81469834 32.64029 -0.35273021 -0.81469834 0.46026950 19.60599 
15 'helical symmetry operation' ?     ?     0.70138829  0.65071249  0.29090864  -12.36899 -0.58933340 0.75898442  -0.27681924 8.90357  -0.40092484 0.02271564  0.91582930 0.61975  
16 'helical symmetry operation' ?     ?     -0.61618579 -0.45392093 -0.64363885 18.62654  0.78612496  -0.30445640 -0.53787911 24.84463 0.04819463  -0.83741398 0.54444020 17.00043 
17 'helical symmetry operation' ?     ?     -0.00817248 0.95689098  0.29033312  -15.07051 -0.74966297 0.18628350  -0.63506241 22.77912 -0.66176967 -0.22284183 0.71582298 6.34860  
18 'helical symmetry operation' ?     ?     0.09337497  -0.76009942 -0.64306333 21.80774  0.94645453  0.26824451  -0.17963594 12.07698 0.30903947  -0.59185651 0.74444651 9.28577  
19 'helical symmetry operation' ?     ?     -0.68606154 0.72754224  -0.00136782 -6.26974  -0.38097537 -0.36085454 -0.85125894 33.31670 -0.61982041 -0.58349491 0.52474408 12.99356 
20 'helical symmetry operation' ?     ?     0.77126403  -0.53075068 -0.35136239 13.48665  0.57776693  0.81538255  0.03656060  2.64730  0.26709020  -0.23120344 0.93552541 0.65500  
21 'helical symmetry operation' ?     ?     -0.90941214 0.10573421  -0.40223113 8.69300   0.28674196  -0.54112535 -0.79054566 34.28853 -0.30124517 -0.83426835 0.46178749 15.79013 
22 'helical symmetry operation' ?     ?     0.99461463  0.09105735  0.04950093  -0.99642  -0.08995040 0.99565336  -0.02415268 2.78337  -0.05148503 0.01957000  0.99848201 -4.12739 
23 'helical symmetry operation' ?     ?     -0.53889978 -0.52065210 -0.66220026 20.63364  0.83697013  -0.24207729 -0.49079548 25.43394 0.09523019  -0.81873109 0.56622507 12.37446 
24 'helical symmetry operation' ?     ?     0.62410227  0.71744366  0.30947005  -12.45738 -0.64017857 0.69660530  -0.32390287 12.74586 -0.44796040 0.00403275  0.89404443 -2.69753  
# 
loop_
_struct_conn.id 
_struct_conn.conn_type_id 
_struct_conn.pdbx_leaving_atom_flag 
_struct_conn.pdbx_PDB_id 
_struct_conn.ptnr1_label_asym_id 
_struct_conn.ptnr1_label_comp_id 
_struct_conn.ptnr1_label_seq_id 
_struct_conn.ptnr1_label_atom_id 
_struct_conn.pdbx_ptnr1_label_alt_id 
_struct_conn.pdbx_ptnr1_PDB_ins_code 
_struct_conn.pdbx_ptnr1_standard_comp_id 
_struct_conn.ptnr1_symmetry 
_struct_conn.ptnr2_label_asym_id 
_struct_conn.ptnr2_label_comp_id 
_struct_conn.ptnr2_label_seq_id 
_struct_conn.ptnr2_label_atom_id 
_struct_conn.pdbx_ptnr2_label_alt_id 
_struct_conn.pdbx_ptnr2_PDB_ins_code 
_struct_conn.ptnr1_auth_asym_id 
_struct_conn.ptnr1_auth_comp_id 
_struct_conn.ptnr1_auth_seq_id 
_struct_conn.ptnr2_auth_asym_id 
_struct_conn.ptnr2_auth_comp_id 
_struct_conn.ptnr2_auth_seq_id 
_struct_conn.ptnr2_symmetry 
_struct_conn.pdbx_ptnr3_label_atom_id 
_struct_conn.pdbx_ptnr3_label_seq_id 
_struct_conn.pdbx_ptnr3_label_comp_id 
_struct_conn.pdbx_ptnr3_label_asym_id 
_struct_conn.pdbx_ptnr3_label_alt_id 
_struct_conn.pdbx_ptnr3_PDB_ins_code 
_struct_conn.details 
_struct_conn.pdbx_dist_value 
_struct_conn.pdbx_value_order 
_struct_conn.pdbx_role 
covale1 covale both ? A A1APX 1 C ? ? ? 1_555 A DPN   2 N ? ? A A1APX 1 A DPN   2 1_555 ? ? ? ? ? ? ? 1.428 ? ? 
covale2 covale one  ? A A1APX 1 O ? ? ? 1_555 A DPN   2 N ? ? A A1APX 1 A DPN   2 1_555 ? ? ? ? ? ? ? 1.282 ? ? 
covale3 covale both ? A DPN   2 C ? ? ? 1_555 A DPN   3 N ? ? A DPN   2 A DPN   3 1_555 ? ? ? ? ? ? ? 1.327 ? ? 
covale4 covale both ? A DPN   3 C ? ? ? 1_555 A DSN   4 N ? ? A DPN   3 A DSN   4 1_555 ? ? ? ? ? ? ? 1.330 ? ? 
covale5 covale both ? A DSN   4 C ? ? ? 1_555 A A1AP1 5 N ? ? A DSN   4 A A1AP1 5 1_555 ? ? ? ? ? ? ? 1.327 ? ? 
# 
_struct_conn_type.id          covale 
_struct_conn_type.criteria    ? 
_struct_conn_type.reference   ? 
# 
loop_
_pdbx_modification_feature.ordinal 
_pdbx_modification_feature.label_comp_id 
_pdbx_modification_feature.label_asym_id 
_pdbx_modification_feature.label_seq_id 
_pdbx_modification_feature.label_alt_id 
_pdbx_modification_feature.modified_residue_label_comp_id 
_pdbx_modification_feature.modified_residue_label_asym_id 
_pdbx_modification_feature.modified_residue_label_seq_id 
_pdbx_modification_feature.modified_residue_label_alt_id 
_pdbx_modification_feature.auth_comp_id 
_pdbx_modification_feature.auth_asym_id 
_pdbx_modification_feature.auth_seq_id 
_pdbx_modification_feature.PDB_ins_code 
_pdbx_modification_feature.symmetry 
_pdbx_modification_feature.modified_residue_auth_comp_id 
_pdbx_modification_feature.modified_residue_auth_asym_id 
_pdbx_modification_feature.modified_residue_auth_seq_id 
_pdbx_modification_feature.modified_residue_PDB_ins_code 
_pdbx_modification_feature.modified_residue_symmetry 
_pdbx_modification_feature.comp_id_linking_atom 
_pdbx_modification_feature.modified_residue_id_linking_atom 
_pdbx_modification_feature.modified_residue_id 
_pdbx_modification_feature.ref_pcm_id 
_pdbx_modification_feature.ref_comp_id 
_pdbx_modification_feature.type 
_pdbx_modification_feature.category 
1 A1AP1 A 5 ? . . . . A1AP1 A 5 ? 1_555 . . . . . . . DTY 1 A1AP1 Phosphorylation 'Named protein modification' 
2 A1APX A 1 ? . . . . A1APX A 1 ? 1_555 . . . . . . . ?   1 A1APX None            'Non-standard residue'       
# 
_pdbx_entry_details.entry_id                   9BJN 
_pdbx_entry_details.nonpolymer_details         ? 
_pdbx_entry_details.sequence_details           ? 
_pdbx_entry_details.compound_details           ? 
_pdbx_entry_details.source_details             ? 
_pdbx_entry_details.has_ligand_of_interest     Y 
_pdbx_entry_details.has_protein_modification   Y 
# 
loop_
_pdbx_validate_rmsd_angle.id 
_pdbx_validate_rmsd_angle.PDB_model_num 
_pdbx_validate_rmsd_angle.auth_atom_id_1 
_pdbx_validate_rmsd_angle.auth_asym_id_1 
_pdbx_validate_rmsd_angle.auth_comp_id_1 
_pdbx_validate_rmsd_angle.auth_seq_id_1 
_pdbx_validate_rmsd_angle.PDB_ins_code_1 
_pdbx_validate_rmsd_angle.label_alt_id_1 
_pdbx_validate_rmsd_angle.auth_atom_id_2 
_pdbx_validate_rmsd_angle.auth_asym_id_2 
_pdbx_validate_rmsd_angle.auth_comp_id_2 
_pdbx_validate_rmsd_angle.auth_seq_id_2 
_pdbx_validate_rmsd_angle.PDB_ins_code_2 
_pdbx_validate_rmsd_angle.label_alt_id_2 
_pdbx_validate_rmsd_angle.auth_atom_id_3 
_pdbx_validate_rmsd_angle.auth_asym_id_3 
_pdbx_validate_rmsd_angle.auth_comp_id_3 
_pdbx_validate_rmsd_angle.auth_seq_id_3 
_pdbx_validate_rmsd_angle.PDB_ins_code_3 
_pdbx_validate_rmsd_angle.label_alt_id_3 
_pdbx_validate_rmsd_angle.angle_value 
_pdbx_validate_rmsd_angle.angle_target_value 
_pdbx_validate_rmsd_angle.angle_deviation 
_pdbx_validate_rmsd_angle.angle_standard_deviation 
_pdbx_validate_rmsd_angle.linker_flag 
1 1 O A A1APX 1 ? ? C A A1APX 1 ? ? N  A DPN 2 ? ? 56.67  122.70 -66.03 1.60 Y 
2 1 C A A1APX 1 ? ? N A DPN   2 ? ? CA A DPN 2 ? ? 136.93 121.70 15.23  2.50 Y 
# 
_pdbx_validate_torsion.id              1 
_pdbx_validate_torsion.PDB_model_num   1 
_pdbx_validate_torsion.auth_comp_id    DPN 
_pdbx_validate_torsion.auth_asym_id    A 
_pdbx_validate_torsion.auth_seq_id     2 
_pdbx_validate_torsion.PDB_ins_code    ? 
_pdbx_validate_torsion.label_alt_id    ? 
_pdbx_validate_torsion.phi             38.50 
_pdbx_validate_torsion.psi             -53.49 
# 
_pdbx_helical_symmetry.entry_id                  9BJN 
_pdbx_helical_symmetry.number_of_operations      24 
_pdbx_helical_symmetry.rotation_per_n_subunits   46.520 
_pdbx_helical_symmetry.rise_per_n_subunits       1.162 
_pdbx_helical_symmetry.n_subunits_divisor        1 
_pdbx_helical_symmetry.dyad_axis                 no 
_pdbx_helical_symmetry.circular_symmetry         2 
# 
_em_3d_fitting.id                1 
_em_3d_fitting.entry_id          9BJN 
_em_3d_fitting.method            ? 
_em_3d_fitting.target_criteria   ? 
_em_3d_fitting.details           ? 
_em_3d_fitting.overall_b_value   ? 
_em_3d_fitting.ref_space         ? 
_em_3d_fitting.ref_protocol      ? 
# 
_em_3d_reconstruction.entry_id                    9BJN 
_em_3d_reconstruction.id                          1 
_em_3d_reconstruction.method                      ? 
_em_3d_reconstruction.algorithm                   ? 
_em_3d_reconstruction.citation_id                 ? 
_em_3d_reconstruction.details                     ? 
_em_3d_reconstruction.resolution                  3.0 
_em_3d_reconstruction.resolution_method           'FSC 0.143 CUT-OFF' 
_em_3d_reconstruction.magnification_calibration   ? 
_em_3d_reconstruction.nominal_pixel_size          ? 
_em_3d_reconstruction.actual_pixel_size           ? 
_em_3d_reconstruction.num_particles               887952 
_em_3d_reconstruction.euler_angles_details        ? 
_em_3d_reconstruction.num_class_averages          ? 
_em_3d_reconstruction.refinement_type             ? 
_em_3d_reconstruction.image_processing_id         1 
_em_3d_reconstruction.symmetry_type               HELICAL 
# 
_em_buffer.id            1 
_em_buffer.specimen_id   1 
_em_buffer.name          ? 
_em_buffer.details       ? 
_em_buffer.pH            7 
# 
_em_entity_assembly.id                   1 
_em_entity_assembly.parent_id            0 
_em_entity_assembly.source               NATURAL 
_em_entity_assembly.type                 COMPLEX 
_em_entity_assembly.name                 'ffspy fiber' 
_em_entity_assembly.details              ? 
_em_entity_assembly.synonym              ? 
_em_entity_assembly.oligomeric_details   ? 
_em_entity_assembly.entity_id_list       1 
# 
_em_imaging.entry_id                        9BJN 
_em_imaging.id                              1 
_em_imaging.astigmatism                     ? 
_em_imaging.electron_beam_tilt_params       ? 
_em_imaging.residual_tilt                   ? 
_em_imaging.microscope_model                'FEI TITAN KRIOS' 
_em_imaging.specimen_holder_type            ? 
_em_imaging.specimen_holder_model           ? 
_em_imaging.details                         ? 
_em_imaging.date                            ? 
_em_imaging.accelerating_voltage            300 
_em_imaging.illumination_mode               'FLOOD BEAM' 
_em_imaging.mode                            'BRIGHT FIELD' 
_em_imaging.nominal_cs                      ? 
_em_imaging.nominal_defocus_min             1000 
_em_imaging.nominal_defocus_max             2000 
_em_imaging.calibrated_defocus_min          ? 
_em_imaging.calibrated_defocus_max          ? 
_em_imaging.tilt_angle_min                  ? 
_em_imaging.tilt_angle_max                  ? 
_em_imaging.nominal_magnification           ? 
_em_imaging.calibrated_magnification        ? 
_em_imaging.electron_source                 'FIELD EMISSION GUN' 
_em_imaging.citation_id                     ? 
_em_imaging.temperature                     ? 
_em_imaging.detector_distance               ? 
_em_imaging.recording_temperature_minimum   ? 
_em_imaging.recording_temperature_maximum   ? 
_em_imaging.alignment_procedure             ? 
_em_imaging.c2_aperture_diameter            ? 
_em_imaging.specimen_id                     1 
_em_imaging.cryogen                         ? 
# 
_em_vitrification.entry_id              9BJN 
_em_vitrification.id                    1 
_em_vitrification.specimen_id           1 
_em_vitrification.cryogen_name          ETHANE 
_em_vitrification.humidity              ? 
_em_vitrification.temp                  ? 
_em_vitrification.chamber_temperature   ? 
_em_vitrification.instrument            ? 
_em_vitrification.method                ? 
_em_vitrification.time_resolved_state   ? 
_em_vitrification.citation_id           ? 
_em_vitrification.details               ? 
# 
_em_experiment.entry_id                9BJN 
_em_experiment.id                      1 
_em_experiment.reconstruction_method   HELICAL 
_em_experiment.aggregation_state       FILAMENT 
_em_experiment.entity_assembly_id      1 
# 
loop_
_chem_comp_atom.comp_id 
_chem_comp_atom.atom_id 
_chem_comp_atom.type_symbol 
_chem_comp_atom.pdbx_aromatic_flag 
_chem_comp_atom.pdbx_stereo_config 
_chem_comp_atom.pdbx_ordinal 
A1AP1 N   N N N 1  
A1AP1 CA  C N R 2  
A1AP1 C   C N N 3  
A1AP1 O   O N N 4  
A1AP1 CB  C N N 5  
A1AP1 CG  C Y N 6  
A1AP1 CD1 C Y N 7  
A1AP1 CE1 C Y N 8  
A1AP1 CZ  C Y N 9  
A1AP1 CE2 C Y N 10 
A1AP1 CD2 C Y N 11 
A1AP1 OH  O N N 12 
A1AP1 OP3 O N N 13 
A1AP1 OP1 O N N 14 
A1AP1 OP2 O N N 15 
A1AP1 P   P N N 16 
A1AP1 H1  H N N 17 
A1AP1 H2  H N N 18 
A1AP1 HA  H N N 19 
A1AP1 HB2 H N N 20 
A1AP1 HB3 H N N 21 
A1AP1 HD1 H N N 22 
A1AP1 HE1 H N N 23 
A1AP1 HE2 H N N 24 
A1AP1 HD2 H N N 25 
A1AP1 H12 H N N 26 
A1AP1 H13 H N N 27 
A1AP1 OXT O N N 28 
A1AP1 H3  H N N 29 
A1APX C12 C Y N 30 
A1APX C13 C Y N 31 
A1APX C14 C Y N 32 
A1APX C15 C Y N 33 
A1APX C16 C Y N 34 
A1APX C17 C Y N 35 
A1APX C   C N N 36 
A1APX O   O N N 37 
A1APX C04 C Y N 38 
A1APX C05 C Y N 39 
A1APX C06 C Y N 40 
A1APX C07 C Y N 41 
A1APX C08 C Y N 42 
A1APX C09 C Y N 43 
A1APX N10 N N N 44 
A1APX N11 N N N 45 
A1APX O1  O N N 46 
A1APX H1  H N N 47 
A1APX H2  H N N 48 
A1APX H3  H N N 49 
A1APX H4  H N N 50 
A1APX H5  H N N 51 
A1APX H6  H N N 52 
A1APX H7  H N N 53 
A1APX H8  H N N 54 
A1APX H9  H N N 55 
A1APX H10 H N N 56 
DPN   N   N N N 57 
DPN   CA  C N R 58 
DPN   C   C N N 59 
DPN   O   O N N 60 
DPN   OXT O N N 61 
DPN   CB  C N N 62 
DPN   CG  C Y N 63 
DPN   CD1 C Y N 64 
DPN   CD2 C Y N 65 
DPN   CE1 C Y N 66 
DPN   CE2 C Y N 67 
DPN   CZ  C Y N 68 
DPN   H   H N N 69 
DPN   H2  H N N 70 
DPN   HA  H N N 71 
DPN   HXT H N N 72 
DPN   HB2 H N N 73 
DPN   HB3 H N N 74 
DPN   HD1 H N N 75 
DPN   HD2 H N N 76 
DPN   HE1 H N N 77 
DPN   HE2 H N N 78 
DPN   HZ  H N N 79 
DSN   N   N N N 80 
DSN   CA  C N R 81 
DSN   C   C N N 82 
DSN   O   O N N 83 
DSN   OXT O N N 84 
DSN   CB  C N N 85 
DSN   OG  O N N 86 
DSN   H   H N N 87 
DSN   H2  H N N 88 
DSN   HA  H N N 89 
DSN   HXT H N N 90 
DSN   HB2 H N N 91 
DSN   HB3 H N N 92 
DSN   HG  H N N 93 
# 
loop_
_chem_comp_bond.comp_id 
_chem_comp_bond.atom_id_1 
_chem_comp_bond.atom_id_2 
_chem_comp_bond.value_order 
_chem_comp_bond.pdbx_aromatic_flag 
_chem_comp_bond.pdbx_stereo_config 
_chem_comp_bond.pdbx_ordinal 
A1AP1 O   C   doub N N 1  
A1AP1 C   CA  sing N N 2  
A1AP1 N   CA  sing N N 3  
A1AP1 CA  CB  sing N N 4  
A1AP1 CD2 CE2 doub Y N 5  
A1AP1 CD2 CG  sing Y N 6  
A1AP1 CE2 CZ  sing Y N 7  
A1AP1 CB  CG  sing N N 8  
A1AP1 CG  CD1 doub Y N 9  
A1AP1 OP1 P   doub N N 10 
A1AP1 OP3 P   sing N N 11 
A1AP1 CZ  OH  sing N N 12 
A1AP1 CZ  CE1 doub Y N 13 
A1AP1 OH  P   sing N N 14 
A1AP1 CD1 CE1 sing Y N 15 
A1AP1 P   OP2 sing N N 16 
A1AP1 N   H1  sing N N 17 
A1AP1 N   H2  sing N N 18 
A1AP1 CA  HA  sing N N 19 
A1AP1 CB  HB2 sing N N 20 
A1AP1 CB  HB3 sing N N 21 
A1AP1 CD1 HD1 sing N N 22 
A1AP1 CE1 HE1 sing N N 23 
A1AP1 CE2 HE2 sing N N 24 
A1AP1 CD2 HD2 sing N N 25 
A1AP1 OP3 H12 sing N N 26 
A1AP1 OP2 H13 sing N N 27 
A1AP1 C   OXT sing N N 28 
A1AP1 OXT H3  sing N N 29 
A1APX C14 C13 doub Y N 30 
A1APX C14 C15 sing Y N 31 
A1APX C13 C12 sing Y N 32 
A1APX C15 C16 doub Y N 33 
A1APX C12 N11 sing N N 34 
A1APX C12 C17 doub Y N 35 
A1APX C16 C17 sing Y N 36 
A1APX N11 N10 doub N N 37 
A1APX C06 C05 doub Y N 38 
A1APX C06 C09 sing Y N 39 
A1APX C05 C04 sing Y N 40 
A1APX N10 C09 sing N N 41 
A1APX C09 C08 doub Y N 42 
A1APX O   C   doub N N 43 
A1APX C04 C   sing N N 44 
A1APX C04 C07 doub Y N 45 
A1APX C08 C07 sing Y N 46 
A1APX C   O1  sing N N 47 
A1APX C13 H1  sing N N 48 
A1APX C14 H2  sing N N 49 
A1APX C15 H3  sing N N 50 
A1APX C16 H4  sing N N 51 
A1APX C17 H5  sing N N 52 
A1APX C05 H6  sing N N 53 
A1APX C06 H7  sing N N 54 
A1APX C07 H8  sing N N 55 
A1APX C08 H9  sing N N 56 
A1APX O1  H10 sing N N 57 
DPN   N   CA  sing N N 58 
DPN   N   H   sing N N 59 
DPN   N   H2  sing N N 60 
DPN   CA  C   sing N N 61 
DPN   CA  CB  sing N N 62 
DPN   CA  HA  sing N N 63 
DPN   C   O   doub N N 64 
DPN   C   OXT sing N N 65 
DPN   OXT HXT sing N N 66 
DPN   CB  CG  sing N N 67 
DPN   CB  HB2 sing N N 68 
DPN   CB  HB3 sing N N 69 
DPN   CG  CD1 doub Y N 70 
DPN   CG  CD2 sing Y N 71 
DPN   CD1 CE1 sing Y N 72 
DPN   CD1 HD1 sing N N 73 
DPN   CD2 CE2 doub Y N 74 
DPN   CD2 HD2 sing N N 75 
DPN   CE1 CZ  doub Y N 76 
DPN   CE1 HE1 sing N N 77 
DPN   CE2 CZ  sing Y N 78 
DPN   CE2 HE2 sing N N 79 
DPN   CZ  HZ  sing N N 80 
DSN   N   CA  sing N N 81 
DSN   N   H   sing N N 82 
DSN   N   H2  sing N N 83 
DSN   CA  C   sing N N 84 
DSN   CA  CB  sing N N 85 
DSN   CA  HA  sing N N 86 
DSN   C   O   doub N N 87 
DSN   C   OXT sing N N 88 
DSN   OXT HXT sing N N 89 
DSN   CB  OG  sing N N 90 
DSN   CB  HB2 sing N N 91 
DSN   CB  HB3 sing N N 92 
DSN   OG  HG  sing N N 93 
# 
_em_admin.current_status     REL 
_em_admin.deposition_date    2024-04-25 
_em_admin.deposition_site    RCSB 
_em_admin.entry_id           9BJN 
_em_admin.last_update        2025-05-21 
_em_admin.map_release_date   2024-09-18 
_em_admin.title              'Cryo-EM of Azo-ffspy fiber' 
# 
_em_ctf_correction.details                  ? 
_em_ctf_correction.em_image_processing_id   1 
_em_ctf_correction.id                       1 
_em_ctf_correction.type                     'PHASE FLIPPING AND AMPLITUDE CORRECTION' 
# 
_em_entity_assembly_naturalsource.cell                 ? 
_em_entity_assembly_naturalsource.cellular_location    ? 
_em_entity_assembly_naturalsource.entity_assembly_id   1 
_em_entity_assembly_naturalsource.id                   2 
_em_entity_assembly_naturalsource.ncbi_tax_id          32630 
_em_entity_assembly_naturalsource.organism             'synthetic construct' 
_em_entity_assembly_naturalsource.organelle            ? 
_em_entity_assembly_naturalsource.organ                ? 
_em_entity_assembly_naturalsource.strain               ? 
_em_entity_assembly_naturalsource.tissue               ? 
_em_entity_assembly_naturalsource.details              ? 
# 
_em_helical_entity.id                             1 
_em_helical_entity.image_processing_id            1 
_em_helical_entity.details                        ? 
_em_helical_entity.axial_symmetry                 C2 
_em_helical_entity.angular_rotation_per_subunit   46.520 
_em_helical_entity.axial_rise_per_subunit         1.162 
# 
_em_image_processing.details              ? 
_em_image_processing.id                   1 
_em_image_processing.image_recording_id   1 
# 
_em_image_recording.average_exposure_time               ? 
_em_image_recording.avg_electron_dose_per_subtomogram   ? 
_em_image_recording.avg_electron_dose_per_image         50 
_em_image_recording.details                             ? 
_em_image_recording.detector_mode                       ? 
_em_image_recording.film_or_detector_model              'GATAN K3 (6k x 4k)' 
_em_image_recording.id                                  1 
_em_image_recording.imaging_id                          1 
_em_image_recording.num_diffraction_images              ? 
_em_image_recording.num_grids_imaged                    ? 
_em_image_recording.num_real_images                     ? 
# 
loop_
_em_software.category 
_em_software.details 
_em_software.id 
_em_software.image_processing_id 
_em_software.fitting_id 
_em_software.imaging_id 
_em_software.name 
_em_software.version 
'PARTICLE SELECTION'            ? 1  1 ? ? ?      ? 
'IMAGE ACQUISITION'             ? 2  ? ? 1 ?      ? 
MASKING                         ? 3  ? ? ? ?      ? 
'CTF CORRECTION'                ? 4  1 ? ? ?      ? 
'LAYERLINE INDEXING'            ? 5  ? ? ? ?      ? 
'DIFFRACTION INDEXING'          ? 6  ? ? ? ?      ? 
'MODEL FITTING'                 ? 7  ? ? ? ?      ? 
'MODEL REFINEMENT'              ? 8  ? ? ? PHENIX ? 
OTHER                           ? 9  ? ? ? ?      ? 
'INITIAL EULER ASSIGNMENT'      ? 10 1 ? ? ?      ? 
'FINAL EULER ASSIGNMENT'        ? 11 1 ? ? ?      ? 
CLASSIFICATION                  ? 12 1 ? ? ?      ? 
RECONSTRUCTION                  ? 13 1 ? ? ?      ? 
'VOLUME SELECTION'              ? 14 1 1 1 ?      ? 
'SERIES ALIGNMENT'              ? 15 1 1 1 ?      ? 
'MOLECULAR REPLACEMENT'         ? 16 1 1 1 ?      ? 
'LATTICE DISTORTION CORRECTION' ? 17 1 1 1 ?      ? 
'SYMMETRY DETERMINATION'        ? 18 1 1 1 ?      ? 
'CRYSTALLOGRAPHY MERGING'       ? 19 1 1 1 ?      ? 
# 
_em_specimen.concentration           ? 
_em_specimen.details                 ? 
_em_specimen.embedding_applied       NO 
_em_specimen.experiment_id           1 
_em_specimen.id                      1 
_em_specimen.shadowing_applied       NO 
_em_specimen.staining_applied        NO 
_em_specimen.vitrification_applied   YES 
# 
loop_
_pdbx_audit_support.funding_organization 
_pdbx_audit_support.country 
_pdbx_audit_support.grant_number 
_pdbx_audit_support.ordinal 
'National Institutes of Health/National Institute of General Medical Sciences (NIH/NIGMS)' 'United States' GM138756 1 
'National Institutes of Health/National Cancer Institute (NIH/NCI)'                        'United States' CA142746 2 
# 
_atom_sites.entry_id                    9BJN 
_atom_sites.Cartn_transf_matrix[1][1]   ? 
_atom_sites.Cartn_transf_matrix[1][2]   ? 
_atom_sites.Cartn_transf_matrix[1][3]   ? 
_atom_sites.Cartn_transf_matrix[2][1]   ? 
_atom_sites.Cartn_transf_matrix[2][2]   ? 
_atom_sites.Cartn_transf_matrix[2][3]   ? 
_atom_sites.Cartn_transf_matrix[3][1]   ? 
_atom_sites.Cartn_transf_matrix[3][2]   ? 
_atom_sites.Cartn_transf_matrix[3][3]   ? 
_atom_sites.Cartn_transf_vector[1]      ? 
_atom_sites.Cartn_transf_vector[2]      ? 
_atom_sites.Cartn_transf_vector[3]      ? 
_atom_sites.Cartn_transform_axes        ? 
_atom_sites.fract_transf_matrix[1][1]   1.000000 
_atom_sites.fract_transf_matrix[1][2]   0.000000 
_atom_sites.fract_transf_matrix[1][3]   0.000000 
_atom_sites.fract_transf_matrix[2][1]   0.000000 
_atom_sites.fract_transf_matrix[2][2]   1.000000 
_atom_sites.fract_transf_matrix[2][3]   0.000000 
_atom_sites.fract_transf_matrix[3][1]   0.000000 
_atom_sites.fract_transf_matrix[3][2]   0.000000 
_atom_sites.fract_transf_matrix[3][3]   1.000000 
_atom_sites.fract_transf_vector[1]      0.00000 
_atom_sites.fract_transf_vector[2]      0.00000 
_atom_sites.fract_transf_vector[3]      0.00000 
_atom_sites.solution_primary            ? 
_atom_sites.solution_secondary          ? 
_atom_sites.solution_hydrogens          ? 
_atom_sites.special_details             ? 
# 
loop_
_atom_type.symbol 
C 
N 
O 
P 
# 
loop_
_atom_site.group_PDB 
_atom_site.id 
_atom_site.type_symbol 
_atom_site.label_atom_id 
_atom_site.label_alt_id 
_atom_site.label_comp_id 
_atom_site.label_asym_id 
_atom_site.label_entity_id 
_atom_site.label_seq_id 
_atom_site.pdbx_PDB_ins_code 
_atom_site.Cartn_x 
_atom_site.Cartn_y 
_atom_site.Cartn_z 
_atom_site.occupancy 
_atom_site.B_iso_or_equiv 
_atom_site.pdbx_formal_charge 
_atom_site.auth_seq_id 
_atom_site.auth_comp_id 
_atom_site.auth_asym_id 
_atom_site.auth_atom_id 
_atom_site.pdbx_PDB_model_num 
HETATM 1  C C12 . A1APX A 1 1 ? -4.224 9.465  8.935  1.00 112.56 ? 1 A1APX A C12 1 
HETATM 2  C C13 . A1APX A 1 1 ? -3.090 9.444  9.722  1.00 112.56 ? 1 A1APX A C13 1 
HETATM 3  C C14 . A1APX A 1 1 ? -2.924 10.328 10.771 1.00 112.56 ? 1 A1APX A C14 1 
HETATM 4  C C15 . A1APX A 1 1 ? -3.887 11.274 11.041 1.00 112.56 ? 1 A1APX A C15 1 
HETATM 5  C C16 . A1APX A 1 1 ? -5.014 11.324 10.251 1.00 112.56 ? 1 A1APX A C16 1 
HETATM 6  C C17 . A1APX A 1 1 ? -5.174 10.439 9.199  1.00 112.56 ? 1 A1APX A C17 1 
HETATM 7  C C   . A1APX A 1 1 ? -2.497 4.047  3.967  1.00 112.56 ? 1 A1APX A C   1 
HETATM 8  O O   . A1APX A 1 1 ? -2.603 2.914  4.492  1.00 112.56 ? 1 A1APX A O   1 
HETATM 9  C C04 . A1APX A 1 1 ? -3.178 5.159  4.725  1.00 112.56 ? 1 A1APX A C04 1 
HETATM 10 C C05 . A1APX A 1 1 ? -2.574 5.718  5.829  1.00 112.56 ? 1 A1APX A C05 1 
HETATM 11 C C06 . A1APX A 1 1 ? -3.205 6.722  6.530  1.00 112.56 ? 1 A1APX A C06 1 
HETATM 12 C C07 . A1APX A 1 1 ? -4.413 5.570  4.313  1.00 112.56 ? 1 A1APX A C07 1 
HETATM 13 C C08 . A1APX A 1 1 ? -5.022 6.589  5.001  1.00 112.56 ? 1 A1APX A C08 1 
HETATM 14 C C09 . A1APX A 1 1 ? -4.450 7.164  6.132  1.00 112.56 ? 1 A1APX A C09 1 
HETATM 15 N N10 . A1APX A 1 1 ? -5.069 8.210  6.962  1.00 112.56 ? 1 A1APX A N10 1 
HETATM 16 N N11 . A1APX A 1 1 ? -4.257 8.494  7.841  1.00 112.56 ? 1 A1APX A N11 1 
HETATM 17 N N   . DPN   A 1 2 ? -3.514 3.110  3.611  1.00 109.94 ? 2 DPN   A N   1 
HETATM 18 C CA  . DPN   A 1 2 ? -3.741 2.139  2.554  1.00 109.94 ? 2 DPN   A CA  1 
HETATM 19 C C   . DPN   A 1 2 ? -2.464 1.413  2.162  1.00 109.94 ? 2 DPN   A C   1 
HETATM 20 O O   . DPN   A 1 2 ? -2.428 0.189  2.169  1.00 109.94 ? 2 DPN   A O   1 
HETATM 21 C CB  . DPN   A 1 2 ? -4.768 1.108  3.000  1.00 109.94 ? 2 DPN   A CB  1 
HETATM 22 C CG  . DPN   A 1 2 ? -6.142 1.664  3.193  1.00 109.94 ? 2 DPN   A CG  1 
HETATM 23 C CD1 . DPN   A 1 2 ? -7.063 1.626  2.170  1.00 109.94 ? 2 DPN   A CD1 1 
HETATM 24 C CD2 . DPN   A 1 2 ? -6.519 2.208  4.401  1.00 109.94 ? 2 DPN   A CD2 1 
HETATM 25 C CE1 . DPN   A 1 2 ? -8.324 2.127  2.346  1.00 109.94 ? 2 DPN   A CE1 1 
HETATM 26 C CE2 . DPN   A 1 2 ? -7.779 2.711  4.580  1.00 109.94 ? 2 DPN   A CE2 1 
HETATM 27 C CZ  . DPN   A 1 2 ? -8.682 2.669  3.551  1.00 109.94 ? 2 DPN   A CZ  1 
HETATM 28 N N   . DPN   A 1 3 ? -1.421 2.164  1.834  1.00 106.44 ? 3 DPN   A N   1 
HETATM 29 C CA  . DPN   A 1 3 ? -0.151 1.570  1.460  1.00 106.44 ? 3 DPN   A CA  1 
HETATM 30 C C   . DPN   A 1 3 ? -0.327 0.715  0.220  1.00 106.44 ? 3 DPN   A C   1 
HETATM 31 O O   . DPN   A 1 3 ? -1.200 0.986  -0.593 1.00 106.44 ? 3 DPN   A O   1 
HETATM 32 C CB  . DPN   A 1 3 ? 0.856  2.647  1.124  1.00 106.44 ? 3 DPN   A CB  1 
HETATM 33 C CG  . DPN   A 1 3 ? 1.082  3.668  2.202  1.00 106.44 ? 3 DPN   A CG  1 
HETATM 34 C CD1 . DPN   A 1 3 ? 0.530  4.921  2.101  1.00 106.44 ? 3 DPN   A CD1 1 
HETATM 35 C CD2 . DPN   A 1 3 ? 1.895  3.404  3.273  1.00 106.44 ? 3 DPN   A CD2 1 
HETATM 36 C CE1 . DPN   A 1 3 ? 0.775  5.896  3.056  1.00 106.44 ? 3 DPN   A CE1 1 
HETATM 37 C CE2 . DPN   A 1 3 ? 2.131  4.379  4.238  1.00 106.44 ? 3 DPN   A CE2 1 
HETATM 38 C CZ  . DPN   A 1 3 ? 1.614  5.641  4.103  1.00 106.44 ? 3 DPN   A CZ  1 
HETATM 39 N N   . DSN   A 1 4 ? 0.509  -0.306 0.060  1.00 116.17 ? 4 DSN   A N   1 
HETATM 40 C CA  . DSN   A 1 4 ? 0.419  -1.179 -1.108 1.00 116.17 ? 4 DSN   A CA  1 
HETATM 41 C C   . DSN   A 1 4 ? 1.703  -1.952 -1.349 1.00 116.17 ? 4 DSN   A C   1 
HETATM 42 O O   . DSN   A 1 4 ? 2.195  -2.636 -0.461 1.00 116.17 ? 4 DSN   A O   1 
HETATM 43 C CB  . DSN   A 1 4 ? -0.726 -2.169 -0.948 1.00 116.17 ? 4 DSN   A CB  1 
HETATM 44 O OG  . DSN   A 1 4 ? -0.390 -3.169 -0.009 1.00 116.17 ? 4 DSN   A OG  1 
HETATM 45 N N   . A1AP1 A 1 5 ? 2.231  -1.858 -2.563 1.00 120.08 ? 5 A1AP1 A N   1 
HETATM 46 C CA  . A1AP1 A 1 5 ? 3.472  -2.530 -2.906 1.00 120.08 ? 5 A1AP1 A CA  1 
HETATM 47 C C   . A1AP1 A 1 5 ? 3.200  -4.008 -3.155 1.00 120.08 ? 5 A1AP1 A C   1 
HETATM 48 O O   . A1AP1 A 1 5 ? 3.533  -4.861 -2.293 1.00 120.08 ? 5 A1AP1 A O   1 
HETATM 49 C CB  . A1AP1 A 1 5 ? 4.091  -1.857 -4.126 1.00 120.08 ? 5 A1AP1 A CB  1 
HETATM 50 C CG  . A1AP1 A 1 5 ? 5.616  -1.936 -4.160 1.00 120.08 ? 5 A1AP1 A CG  1 
HETATM 51 C CD1 . A1AP1 A 1 5 ? 6.266  -2.332 -5.312 1.00 120.08 ? 5 A1AP1 A CD1 1 
HETATM 52 C CE1 . A1AP1 A 1 5 ? 7.648  -2.403 -5.344 1.00 120.08 ? 5 A1AP1 A CE1 1 
HETATM 53 C CZ  . A1AP1 A 1 5 ? 8.382  -2.081 -4.219 1.00 120.08 ? 5 A1AP1 A CZ  1 
HETATM 54 C CE2 . A1AP1 A 1 5 ? 7.730  -1.683 -3.069 1.00 120.08 ? 5 A1AP1 A CE2 1 
HETATM 55 C CD2 . A1AP1 A 1 5 ? 6.350  -1.612 -3.038 1.00 120.08 ? 5 A1AP1 A CD2 1 
HETATM 56 O OH  . A1AP1 A 1 5 ? 9.780  -2.138 -4.233 1.00 120.08 ? 5 A1AP1 A OH  1 
HETATM 57 O OP3 . A1AP1 A 1 5 ? 11.843 -3.681 -4.169 1.00 120.08 ? 5 A1AP1 A OP3 1 
HETATM 58 O OP1 . A1AP1 A 1 5 ? 9.687  -4.644 -4.859 1.00 120.08 ? 5 A1AP1 A OP1 1 
HETATM 59 O OP2 . A1AP1 A 1 5 ? 10.884 -3.076 -6.347 1.00 120.08 ? 5 A1AP1 A OP2 1 
HETATM 60 P P   . A1AP1 A 1 5 ? 10.559 -3.416 -4.916 1.00 120.08 ? 5 A1AP1 A P   1 
# 
